data_6UCE
#
_entry.id   6UCE
#
_cell.length_a   42.807
_cell.length_b   80.727
_cell.length_c   69.819
_cell.angle_alpha   90.000
_cell.angle_beta   102.310
_cell.angle_gamma   90.000
#
_symmetry.space_group_name_H-M   'P 1 21 1'
#
loop_
_entity.id
_entity.type
_entity.pdbx_description
1 polymer 'N123-VRC34_pI3 light chain'
2 polymer 'N123-VRC34_pI3 heavy chain'
3 polymer 'HIV fusion peptide'
4 water water
#
loop_
_entity_poly.entity_id
_entity_poly.type
_entity_poly.pdbx_seq_one_letter_code
_entity_poly.pdbx_strand_id
1 'polypeptide(L)'
;DIQLTQSPSFLSASVGDRVTITCRASQGISNELAWYQQKPGKAPNLLIYYASTLQSGVPSRFSASGSGTHFTLTISSLQP
EDFATYFCQHMSSYPLTFGGGTKVEIKRTVAAPSVFIFPPSDEQLKSGTASVVCLLNNFYPREAKVQWKVDNALQSGNSQ
ESVTEQDSKDSTYSLSSTLTLSKADYEKHKVYACEVTHQGLSSPVTKSFNRGEC
;
L
2 'polypeptide(L)'
;QEVLVQSGAEVKKPGASVKVSCKAFGYTFTGNPMHWVRQAPGQGLEWMGWINPHSGDTTTAQKFQGRVYMTRDKSINTAY
LDVTRLTSDDTAIYYCARDKYYGNEAVGMDVWGQGTTVTVSSASTKGPSVFPLAPSSKSTSGGTAALGCLVKDYFPEPVT
VSWNSGALTSGVHTFPAVLQSSGLYSLSSVVTVPSSSLGTQTYICNVNHKPSNTKVDKKVEPKSCDKGLEVLF
;
H
3 'polypeptide(L)' AVGIGAVF C
#
# COMPACT_ATOMS: atom_id res chain seq x y z
N ASP A 1 -20.91 -15.12 -10.72
CA ASP A 1 -19.45 -14.99 -10.76
C ASP A 1 -18.82 -16.11 -9.96
N ILE A 2 -17.55 -16.41 -10.26
CA ILE A 2 -16.79 -17.41 -9.54
C ILE A 2 -15.92 -16.71 -8.51
N GLN A 3 -15.97 -17.18 -7.27
CA GLN A 3 -15.16 -16.63 -6.19
C GLN A 3 -14.01 -17.59 -5.92
N LEU A 4 -12.81 -17.04 -5.80
CA LEU A 4 -11.63 -17.81 -5.41
C LEU A 4 -11.29 -17.42 -3.98
N THR A 5 -11.25 -18.41 -3.08
CA THR A 5 -10.96 -18.18 -1.67
C THR A 5 -9.57 -18.71 -1.36
N GLN A 6 -8.65 -17.83 -0.98
CA GLN A 6 -7.28 -18.20 -0.66
C GLN A 6 -7.09 -18.36 0.85
N SER A 7 -6.22 -19.30 1.22
CA SER A 7 -5.90 -19.55 2.61
C SER A 7 -4.42 -19.89 2.68
N PRO A 8 -3.69 -19.34 3.65
CA PRO A 8 -4.17 -18.31 4.58
C PRO A 8 -4.10 -16.94 3.91
N SER A 9 -4.68 -15.92 4.55
CA SER A 9 -4.52 -14.57 4.02
C SER A 9 -3.17 -13.98 4.36
N PHE A 10 -2.59 -14.39 5.48
CA PHE A 10 -1.29 -13.91 5.94
C PHE A 10 -0.50 -15.08 6.49
N LEU A 11 0.78 -15.12 6.19
CA LEU A 11 1.67 -16.17 6.67
C LEU A 11 3.00 -15.55 7.06
N SER A 12 3.50 -15.91 8.24
CA SER A 12 4.85 -15.58 8.66
C SER A 12 5.70 -16.83 8.59
N ALA A 13 6.81 -16.76 7.86
CA ALA A 13 7.66 -17.92 7.63
C ALA A 13 9.13 -17.51 7.64
N SER A 14 10.00 -18.50 7.76
CA SER A 14 11.45 -18.31 7.79
C SER A 14 12.08 -18.81 6.51
N VAL A 15 13.23 -18.24 6.16
CA VAL A 15 13.98 -18.72 5.01
C VAL A 15 14.24 -20.22 5.18
N GLY A 16 14.05 -20.99 4.10
CA GLY A 16 14.18 -22.43 4.15
C GLY A 16 12.89 -23.19 4.42
N ASP A 17 11.83 -22.51 4.86
CA ASP A 17 10.57 -23.20 5.14
C ASP A 17 9.89 -23.61 3.84
N ARG A 18 9.08 -24.66 3.92
CA ARG A 18 8.15 -24.98 2.86
C ARG A 18 6.87 -24.18 3.10
N VAL A 19 6.43 -23.44 2.07
CA VAL A 19 5.23 -22.61 2.14
C VAL A 19 4.16 -23.25 1.26
N THR A 20 2.96 -23.42 1.82
CA THR A 20 1.83 -24.05 1.14
C THR A 20 0.64 -23.11 1.20
N ILE A 21 0.11 -22.73 0.02
CA ILE A 21 -0.98 -21.77 -0.11
C ILE A 21 -2.08 -22.44 -0.93
N THR A 22 -3.32 -22.31 -0.48
CA THR A 22 -4.44 -22.96 -1.15
C THR A 22 -5.40 -21.94 -1.77
N CYS A 23 -6.07 -22.37 -2.83
CA CYS A 23 -7.08 -21.58 -3.53
C CYS A 23 -8.24 -22.52 -3.80
N ARG A 24 -9.44 -22.14 -3.36
CA ARG A 24 -10.65 -22.93 -3.56
C ARG A 24 -11.60 -22.14 -4.45
N ALA A 25 -12.04 -22.75 -5.55
CA ALA A 25 -13.00 -22.12 -6.45
C ALA A 25 -14.42 -22.52 -6.09
N SER A 26 -15.34 -21.56 -6.17
CA SER A 26 -16.73 -21.82 -5.84
C SER A 26 -17.42 -22.75 -6.83
N GLN A 27 -16.82 -22.95 -8.00
CA GLN A 27 -17.33 -23.79 -9.07
C GLN A 27 -16.13 -24.47 -9.73
N GLY A 28 -16.39 -25.60 -10.38
CA GLY A 28 -15.32 -26.31 -11.05
C GLY A 28 -14.75 -25.47 -12.18
N ILE A 29 -13.44 -25.39 -12.24
CA ILE A 29 -12.77 -24.62 -13.27
C ILE A 29 -11.70 -25.39 -14.03
N SER A 30 -11.75 -26.72 -13.95
CA SER A 30 -10.80 -27.59 -14.62
C SER A 30 -9.38 -27.19 -14.19
N ASN A 31 -8.50 -26.98 -15.16
CA ASN A 31 -7.14 -26.54 -14.90
C ASN A 31 -6.93 -25.09 -15.35
N GLU A 32 -8.02 -24.34 -15.48
CA GLU A 32 -7.94 -22.99 -16.03
C GLU A 32 -7.64 -21.97 -14.93
N LEU A 33 -6.45 -22.13 -14.36
CA LEU A 33 -6.03 -21.38 -13.18
C LEU A 33 -4.56 -21.01 -13.29
N ALA A 34 -4.24 -19.80 -12.83
CA ALA A 34 -2.88 -19.29 -12.81
C ALA A 34 -2.57 -18.77 -11.43
N TRP A 35 -1.27 -18.74 -11.11
CA TRP A 35 -0.75 -18.16 -9.88
C TRP A 35 0.24 -17.04 -10.21
N TYR A 36 0.22 -15.98 -9.38
CA TYR A 36 1.05 -14.81 -9.57
C TYR A 36 1.72 -14.44 -8.25
N GLN A 37 2.88 -13.78 -8.36
CA GLN A 37 3.55 -13.15 -7.24
C GLN A 37 3.50 -11.65 -7.43
N GLN A 38 3.30 -10.90 -6.35
CA GLN A 38 3.33 -9.44 -6.44
C GLN A 38 4.08 -8.83 -5.26
N LYS A 39 4.94 -7.85 -5.56
CA LYS A 39 5.64 -7.11 -4.55
C LYS A 39 5.17 -5.67 -4.53
N PRO A 40 5.38 -4.94 -3.43
CA PRO A 40 4.83 -3.57 -3.35
C PRO A 40 5.35 -2.68 -4.46
N GLY A 41 4.43 -1.92 -5.05
CA GLY A 41 4.78 -1.00 -6.12
C GLY A 41 5.07 -1.64 -7.45
N LYS A 42 4.85 -2.94 -7.60
CA LYS A 42 5.17 -3.64 -8.83
C LYS A 42 3.96 -4.39 -9.35
N ALA A 43 3.97 -4.65 -10.65
CA ALA A 43 2.93 -5.47 -11.24
C ALA A 43 3.10 -6.93 -10.80
N PRO A 44 2.01 -7.70 -10.80
CA PRO A 44 2.15 -9.15 -10.58
C PRO A 44 3.01 -9.79 -11.65
N ASN A 45 3.59 -10.92 -11.28
CA ASN A 45 4.42 -11.75 -12.17
C ASN A 45 3.85 -13.16 -12.20
N LEU A 46 3.71 -13.70 -13.41
CA LEU A 46 3.10 -15.02 -13.59
C LEU A 46 4.05 -16.13 -13.15
N LEU A 47 3.56 -17.02 -12.28
CA LEU A 47 4.34 -18.17 -11.81
C LEU A 47 3.91 -19.48 -12.45
N ILE A 48 2.62 -19.71 -12.60
CA ILE A 48 2.05 -21.00 -12.94
C ILE A 48 0.87 -20.75 -13.85
N TYR A 49 0.72 -21.56 -14.91
CA TYR A 49 -0.50 -21.57 -15.69
C TYR A 49 -0.92 -23.02 -15.92
N TYR A 50 -2.13 -23.21 -16.45
CA TYR A 50 -2.72 -24.55 -16.55
C TYR A 50 -2.69 -25.29 -15.21
N ALA A 51 -2.76 -24.51 -14.12
CA ALA A 51 -2.82 -24.95 -12.72
C ALA A 51 -1.53 -25.58 -12.20
N SER A 52 -0.67 -26.07 -13.08
CA SER A 52 0.51 -26.78 -12.62
C SER A 52 1.74 -26.60 -13.50
N THR A 53 1.66 -25.83 -14.57
CA THR A 53 2.81 -25.65 -15.46
C THR A 53 3.61 -24.43 -15.03
N LEU A 54 4.90 -24.63 -14.80
CA LEU A 54 5.76 -23.53 -14.36
C LEU A 54 6.05 -22.59 -15.52
N GLN A 55 5.83 -21.30 -15.30
CA GLN A 55 6.14 -20.31 -16.32
C GLN A 55 7.66 -20.19 -16.54
N SER A 56 8.04 -19.93 -17.79
CA SER A 56 9.44 -19.82 -18.15
C SER A 56 10.13 -18.75 -17.29
N GLY A 57 11.34 -19.06 -16.83
CA GLY A 57 12.11 -18.17 -15.99
C GLY A 57 11.82 -18.26 -14.51
N VAL A 58 10.74 -18.93 -14.11
CA VAL A 58 10.37 -19.01 -12.70
C VAL A 58 11.24 -20.05 -11.99
N PRO A 59 11.77 -19.74 -10.81
CA PRO A 59 12.57 -20.74 -10.08
C PRO A 59 11.79 -22.02 -9.82
N SER A 60 12.48 -23.16 -9.92
CA SER A 60 11.83 -24.46 -9.79
C SER A 60 11.40 -24.77 -8.36
N ARG A 61 11.79 -23.96 -7.38
CA ARG A 61 11.25 -24.14 -6.03
C ARG A 61 9.77 -23.80 -5.94
N PHE A 62 9.21 -23.18 -6.98
CA PHE A 62 7.76 -23.00 -7.09
C PHE A 62 7.17 -24.18 -7.85
N SER A 63 6.06 -24.71 -7.33
CA SER A 63 5.28 -25.71 -8.03
C SER A 63 3.84 -25.56 -7.59
N ALA A 64 2.93 -26.20 -8.34
CA ALA A 64 1.52 -26.10 -7.99
C ALA A 64 0.79 -27.33 -8.52
N SER A 65 -0.37 -27.59 -7.92
CA SER A 65 -1.16 -28.77 -8.27
C SER A 65 -2.63 -28.44 -8.15
N GLY A 66 -3.45 -29.30 -8.74
CA GLY A 66 -4.90 -29.18 -8.66
C GLY A 66 -5.60 -29.16 -10.00
N SER A 67 -6.84 -29.64 -10.02
CA SER A 67 -7.74 -29.50 -11.17
C SER A 67 -9.15 -29.68 -10.66
N GLY A 68 -10.05 -28.76 -11.01
CA GLY A 68 -11.38 -28.79 -10.45
C GLY A 68 -11.68 -27.59 -9.56
N THR A 69 -11.68 -27.79 -8.25
CA THR A 69 -11.99 -26.74 -7.31
C THR A 69 -10.90 -26.41 -6.30
N HIS A 70 -9.95 -27.30 -6.04
CA HIS A 70 -8.98 -27.10 -4.96
C HIS A 70 -7.56 -27.12 -5.52
N PHE A 71 -6.85 -26.01 -5.34
CA PHE A 71 -5.54 -25.79 -5.93
C PHE A 71 -4.55 -25.39 -4.86
N THR A 72 -3.30 -25.82 -5.03
CA THR A 72 -2.25 -25.63 -4.05
C THR A 72 -0.96 -25.14 -4.71
N LEU A 73 -0.43 -24.02 -4.21
CA LEU A 73 0.88 -23.51 -4.59
C LEU A 73 1.86 -23.83 -3.47
N THR A 74 3.01 -24.40 -3.83
CA THR A 74 4.04 -24.77 -2.86
C THR A 74 5.36 -24.11 -3.24
N ILE A 75 6.00 -23.47 -2.26
CA ILE A 75 7.38 -23.01 -2.37
C ILE A 75 8.22 -23.95 -1.51
N SER A 76 9.11 -24.71 -2.16
CA SER A 76 9.76 -25.82 -1.45
C SER A 76 10.73 -25.33 -0.37
N SER A 77 11.43 -24.23 -0.63
CA SER A 77 12.42 -23.70 0.31
C SER A 77 12.43 -22.18 0.13
N LEU A 78 11.77 -21.49 1.04
CA LEU A 78 11.49 -20.07 0.90
C LEU A 78 12.78 -19.25 0.98
N GLN A 79 12.97 -18.32 0.05
CA GLN A 79 14.15 -17.47 -0.01
C GLN A 79 13.75 -16.00 0.20
N PRO A 80 14.73 -15.13 0.51
CA PRO A 80 14.38 -13.72 0.76
C PRO A 80 13.60 -13.07 -0.37
N GLU A 81 13.92 -13.40 -1.62
CA GLU A 81 13.20 -12.80 -2.74
C GLU A 81 11.76 -13.30 -2.86
N ASP A 82 11.35 -14.30 -2.08
CA ASP A 82 10.00 -14.87 -2.17
C ASP A 82 9.01 -14.25 -1.19
N PHE A 83 9.46 -13.45 -0.24
CA PHE A 83 8.52 -12.73 0.60
C PHE A 83 7.80 -11.69 -0.26
N ALA A 84 6.49 -11.87 -0.37
CA ALA A 84 5.65 -11.17 -1.34
C ALA A 84 4.21 -11.59 -1.11
N THR A 85 3.30 -11.08 -1.93
CA THR A 85 1.92 -11.54 -1.92
C THR A 85 1.66 -12.42 -3.14
N TYR A 86 0.88 -13.49 -2.94
CA TYR A 86 0.59 -14.46 -3.99
C TYR A 86 -0.91 -14.47 -4.27
N PHE A 87 -1.27 -14.56 -5.55
CA PHE A 87 -2.66 -14.56 -5.99
C PHE A 87 -2.91 -15.71 -6.94
N CYS A 88 -4.07 -16.35 -6.81
CA CYS A 88 -4.59 -17.23 -7.85
C CYS A 88 -5.58 -16.47 -8.73
N GLN A 89 -5.83 -17.01 -9.91
CA GLN A 89 -6.73 -16.39 -10.87
C GLN A 89 -7.33 -17.47 -11.76
N HIS A 90 -8.64 -17.42 -12.00
CA HIS A 90 -9.23 -18.35 -12.95
C HIS A 90 -9.54 -17.63 -14.26
N MET A 91 -9.73 -18.42 -15.31
CA MET A 91 -10.13 -17.90 -16.61
C MET A 91 -11.15 -18.82 -17.26
N SER A 92 -12.02 -19.40 -16.43
CA SER A 92 -12.97 -20.41 -16.88
C SER A 92 -14.24 -19.78 -17.48
N SER A 93 -14.63 -18.62 -16.99
CA SER A 93 -15.81 -17.91 -17.46
C SER A 93 -15.67 -16.45 -17.04
N TYR A 94 -16.58 -15.62 -17.54
CA TYR A 94 -16.50 -14.21 -17.23
C TYR A 94 -17.36 -13.89 -16.01
N PRO A 95 -16.91 -12.97 -15.15
CA PRO A 95 -15.64 -12.25 -15.27
C PRO A 95 -14.48 -13.08 -14.74
N LEU A 96 -13.28 -12.83 -15.27
CA LEU A 96 -12.10 -13.40 -14.65
C LEU A 96 -11.97 -12.81 -13.26
N THR A 97 -11.62 -13.63 -12.27
CA THR A 97 -11.44 -13.15 -10.92
C THR A 97 -10.16 -13.72 -10.33
N PHE A 98 -9.68 -13.00 -9.32
CA PHE A 98 -8.48 -13.34 -8.57
C PHE A 98 -8.88 -13.69 -7.15
N GLY A 99 -8.09 -14.55 -6.52
CA GLY A 99 -8.22 -14.73 -5.10
C GLY A 99 -7.81 -13.48 -4.35
N GLY A 100 -8.10 -13.48 -3.05
CA GLY A 100 -7.84 -12.30 -2.25
C GLY A 100 -6.38 -12.04 -1.94
N GLY A 101 -5.52 -13.00 -2.18
CA GLY A 101 -4.10 -12.85 -1.95
C GLY A 101 -3.65 -13.48 -0.64
N THR A 102 -2.40 -13.90 -0.61
CA THR A 102 -1.74 -14.41 0.60
C THR A 102 -0.43 -13.66 0.74
N LYS A 103 -0.29 -12.90 1.82
CA LYS A 103 0.92 -12.14 2.06
C LYS A 103 1.87 -12.97 2.93
N VAL A 104 3.06 -13.24 2.41
CA VAL A 104 4.07 -14.02 3.10
C VAL A 104 5.11 -13.05 3.63
N GLU A 105 5.24 -12.99 4.96
CA GLU A 105 6.18 -12.10 5.63
C GLU A 105 7.16 -12.91 6.47
N ILE A 106 8.17 -12.20 6.98
CA ILE A 106 9.32 -12.83 7.64
C ILE A 106 9.01 -13.06 9.11
N LYS A 107 9.16 -14.31 9.56
CA LYS A 107 9.03 -14.63 10.96
C LYS A 107 10.27 -14.19 11.73
N ARG A 108 10.06 -13.66 12.93
CA ARG A 108 11.15 -13.33 13.83
C ARG A 108 10.62 -13.41 15.26
N THR A 109 11.51 -13.19 16.22
CA THR A 109 11.09 -13.24 17.62
C THR A 109 10.26 -12.01 17.98
N VAL A 110 9.46 -12.16 19.04
CA VAL A 110 8.64 -11.06 19.52
C VAL A 110 9.53 -9.90 19.95
N ALA A 111 9.10 -8.68 19.61
CA ALA A 111 9.81 -7.47 20.01
C ALA A 111 8.77 -6.44 20.42
N ALA A 112 8.83 -5.99 21.66
CA ALA A 112 7.86 -5.02 22.15
C ALA A 112 8.14 -3.65 21.54
N PRO A 113 7.10 -2.86 21.26
CA PRO A 113 7.33 -1.53 20.70
C PRO A 113 7.83 -0.56 21.76
N SER A 114 8.68 0.37 21.31
CA SER A 114 8.97 1.56 22.08
C SER A 114 7.92 2.60 21.74
N VAL A 115 7.26 3.15 22.76
CA VAL A 115 6.10 4.01 22.60
C VAL A 115 6.49 5.44 22.90
N PHE A 116 6.11 6.36 22.01
CA PHE A 116 6.37 7.78 22.18
C PHE A 116 5.10 8.55 21.84
N ILE A 117 4.85 9.63 22.57
CA ILE A 117 3.73 10.53 22.29
C ILE A 117 4.26 11.92 22.01
N PHE A 118 3.71 12.56 20.98
CA PHE A 118 4.15 13.89 20.56
C PHE A 118 2.97 14.84 20.66
N PRO A 119 3.03 15.88 21.49
CA PRO A 119 1.96 16.87 21.51
C PRO A 119 1.98 17.71 20.24
N PRO A 120 0.89 18.42 19.94
CA PRO A 120 0.88 19.28 18.75
C PRO A 120 1.92 20.40 18.88
N SER A 121 2.43 20.82 17.72
CA SER A 121 3.42 21.87 17.68
C SER A 121 2.75 23.23 17.86
N ASP A 122 3.55 24.22 18.27
CA ASP A 122 3.04 25.58 18.36
C ASP A 122 2.60 26.09 17.00
N GLU A 123 3.31 25.69 15.94
CA GLU A 123 2.95 26.15 14.60
C GLU A 123 1.58 25.63 14.18
N GLN A 124 1.28 24.37 14.49
CA GLN A 124 -0.04 23.84 14.10
C GLN A 124 -1.15 24.46 14.94
N LEU A 125 -0.88 24.71 16.22
CA LEU A 125 -1.93 25.25 17.09
C LEU A 125 -2.39 26.62 16.62
N LYS A 126 -1.46 27.49 16.24
CA LYS A 126 -1.84 28.81 15.73
C LYS A 126 -2.60 28.70 14.41
N SER A 127 -2.43 27.61 13.66
CA SER A 127 -3.18 27.41 12.42
C SER A 127 -4.59 26.91 12.64
N GLY A 128 -4.93 26.46 13.85
CA GLY A 128 -6.30 26.13 14.20
C GLY A 128 -6.61 24.65 14.38
N THR A 129 -5.62 23.77 14.31
CA THR A 129 -5.85 22.35 14.52
C THR A 129 -4.80 21.79 15.46
N ALA A 130 -5.06 20.58 15.97
CA ALA A 130 -4.15 19.90 16.88
C ALA A 130 -4.08 18.43 16.49
N SER A 131 -2.88 17.97 16.15
CA SER A 131 -2.63 16.56 15.88
C SER A 131 -1.75 16.01 16.97
N VAL A 132 -2.19 14.93 17.60
CA VAL A 132 -1.42 14.22 18.61
C VAL A 132 -0.94 12.91 18.00
N VAL A 133 0.37 12.68 18.01
CA VAL A 133 0.97 11.53 17.34
C VAL A 133 1.49 10.55 18.39
N CYS A 134 1.06 9.30 18.29
CA CYS A 134 1.58 8.21 19.11
C CYS A 134 2.37 7.27 18.21
N LEU A 135 3.63 7.05 18.54
CA LEU A 135 4.54 6.26 17.72
C LEU A 135 4.90 4.96 18.43
N LEU A 136 4.73 3.84 17.72
CA LEU A 136 5.17 2.53 18.17
C LEU A 136 6.32 2.13 17.25
N ASN A 137 7.52 1.99 17.80
CA ASN A 137 8.72 1.82 16.99
C ASN A 137 9.30 0.42 17.14
N ASN A 138 9.56 -0.22 15.99
CA ASN A 138 10.38 -1.43 15.89
C ASN A 138 9.82 -2.59 16.73
N PHE A 139 8.62 -3.04 16.36
CA PHE A 139 7.96 -4.13 17.08
C PHE A 139 7.64 -5.30 16.15
N TYR A 140 7.36 -6.44 16.78
CA TYR A 140 6.96 -7.65 16.08
C TYR A 140 6.22 -8.54 17.07
N PRO A 141 5.10 -9.17 16.69
CA PRO A 141 4.43 -9.13 15.37
C PRO A 141 3.64 -7.86 15.15
N ARG A 142 2.96 -7.76 14.00
CA ARG A 142 2.31 -6.50 13.62
C ARG A 142 1.07 -6.20 14.46
N GLU A 143 0.40 -7.23 14.96
CA GLU A 143 -0.83 -7.03 15.73
C GLU A 143 -0.54 -6.15 16.94
N ALA A 144 -1.32 -5.08 17.09
CA ALA A 144 -1.18 -4.15 18.19
C ALA A 144 -2.48 -3.39 18.36
N LYS A 145 -2.75 -2.97 19.58
CA LYS A 145 -3.93 -2.18 19.90
C LYS A 145 -3.47 -0.84 20.47
N VAL A 146 -3.88 0.24 19.82
CA VAL A 146 -3.53 1.59 20.24
C VAL A 146 -4.83 2.33 20.55
N GLN A 147 -4.98 2.74 21.81
CA GLN A 147 -6.20 3.38 22.28
C GLN A 147 -5.87 4.78 22.78
N TRP A 148 -6.64 5.77 22.32
CA TRP A 148 -6.47 7.15 22.78
C TRP A 148 -7.43 7.41 23.94
N LYS A 149 -6.91 8.00 25.01
CA LYS A 149 -7.71 8.39 26.16
C LYS A 149 -7.53 9.87 26.41
N VAL A 150 -8.65 10.61 26.47
CA VAL A 150 -8.64 12.05 26.66
C VAL A 150 -9.41 12.34 27.95
N ASP A 151 -8.70 12.90 28.93
CA ASP A 151 -9.23 13.05 30.29
C ASP A 151 -9.78 11.71 30.80
N ASN A 152 -9.06 10.64 30.47
CA ASN A 152 -9.40 9.26 30.81
C ASN A 152 -10.67 8.75 30.11
N ALA A 153 -11.09 9.40 29.03
CA ALA A 153 -12.24 8.97 28.27
C ALA A 153 -11.78 8.38 26.94
N LEU A 154 -12.25 7.18 26.62
CA LEU A 154 -11.81 6.50 25.42
C LEU A 154 -12.37 7.16 24.17
N GLN A 155 -11.52 7.36 23.18
CA GLN A 155 -11.89 8.03 21.94
C GLN A 155 -12.29 7.02 20.87
N SER A 156 -13.04 7.50 19.89
CA SER A 156 -13.46 6.68 18.76
C SER A 156 -13.73 7.58 17.57
N GLY A 157 -13.27 7.14 16.39
CA GLY A 157 -13.55 7.83 15.15
C GLY A 157 -12.76 9.09 14.88
N ASN A 158 -11.81 9.45 15.76
CA ASN A 158 -11.04 10.68 15.59
C ASN A 158 -9.55 10.42 15.41
N SER A 159 -9.17 9.19 15.08
CA SER A 159 -7.76 8.86 14.89
C SER A 159 -7.60 7.94 13.69
N GLN A 160 -6.41 7.95 13.12
CA GLN A 160 -6.05 7.08 12.00
C GLN A 160 -4.68 6.47 12.27
N GLU A 161 -4.51 5.23 11.83
CA GLU A 161 -3.27 4.50 11.99
C GLU A 161 -2.58 4.31 10.64
N SER A 162 -1.25 4.24 10.68
CA SER A 162 -0.42 3.97 9.52
C SER A 162 0.73 3.08 9.95
N VAL A 163 1.09 2.10 9.12
CA VAL A 163 2.07 1.08 9.50
C VAL A 163 3.07 0.91 8.37
N THR A 164 4.34 0.74 8.72
CA THR A 164 5.37 0.47 7.72
C THR A 164 5.38 -1.01 7.36
N GLU A 165 6.11 -1.32 6.30
CA GLU A 165 6.46 -2.71 6.01
C GLU A 165 7.66 -3.13 6.87
N GLN A 166 7.95 -4.42 6.85
CA GLN A 166 9.03 -4.94 7.69
C GLN A 166 10.35 -4.29 7.35
N ASP A 167 11.08 -3.87 8.38
CA ASP A 167 12.39 -3.26 8.17
C ASP A 167 13.34 -4.26 7.53
N SER A 168 14.18 -3.76 6.61
CA SER A 168 15.02 -4.63 5.81
C SER A 168 16.12 -5.30 6.61
N LYS A 169 16.41 -4.83 7.82
CA LYS A 169 17.49 -5.39 8.63
C LYS A 169 17.00 -6.20 9.82
N ASP A 170 15.99 -5.72 10.54
CA ASP A 170 15.51 -6.39 11.74
C ASP A 170 14.10 -6.96 11.61
N SER A 171 13.43 -6.75 10.48
CA SER A 171 12.13 -7.35 10.18
C SER A 171 11.03 -6.89 11.12
N THR A 172 11.19 -5.76 11.79
CA THR A 172 10.13 -5.25 12.65
C THR A 172 9.22 -4.29 11.90
N TYR A 173 8.14 -3.91 12.58
CA TYR A 173 7.20 -2.91 12.09
C TYR A 173 7.31 -1.66 12.96
N SER A 174 6.85 -0.55 12.40
CA SER A 174 6.60 0.68 13.16
C SER A 174 5.22 1.18 12.78
N LEU A 175 4.58 1.89 13.70
CA LEU A 175 3.19 2.30 13.54
C LEU A 175 3.01 3.69 14.13
N SER A 176 2.19 4.49 13.45
CA SER A 176 1.78 5.79 13.97
C SER A 176 0.27 5.78 14.16
N SER A 177 -0.18 6.37 15.26
CA SER A 177 -1.59 6.65 15.48
C SER A 177 -1.71 8.14 15.74
N THR A 178 -2.57 8.80 14.97
CA THR A 178 -2.66 10.26 15.00
C THR A 178 -4.08 10.65 15.37
N LEU A 179 -4.21 11.40 16.46
CA LEU A 179 -5.48 11.96 16.92
C LEU A 179 -5.57 13.39 16.41
N THR A 180 -6.59 13.68 15.61
CA THR A 180 -6.72 14.99 14.98
C THR A 180 -7.98 15.67 15.52
N LEU A 181 -7.82 16.89 16.01
CA LEU A 181 -8.92 17.66 16.59
C LEU A 181 -8.79 19.11 16.15
N SER A 182 -9.91 19.82 16.14
CA SER A 182 -9.85 21.26 16.01
C SER A 182 -9.23 21.84 17.29
N LYS A 183 -8.69 23.06 17.16
CA LYS A 183 -8.12 23.73 18.32
C LYS A 183 -9.15 23.86 19.45
N ALA A 184 -10.39 24.21 19.10
CA ALA A 184 -11.43 24.35 20.12
C ALA A 184 -11.72 23.03 20.82
N ASP A 185 -11.76 21.93 20.06
CA ASP A 185 -11.97 20.63 20.69
C ASP A 185 -10.78 20.22 21.53
N TYR A 186 -9.57 20.45 21.03
CA TYR A 186 -8.36 20.15 21.78
C TYR A 186 -8.34 20.87 23.12
N GLU A 187 -8.78 22.12 23.15
CA GLU A 187 -8.73 22.92 24.37
C GLU A 187 -9.91 22.68 25.32
N LYS A 188 -10.74 21.68 25.03
CA LYS A 188 -11.79 21.26 25.96
C LYS A 188 -11.28 20.29 27.01
N HIS A 189 -10.05 19.78 26.89
CA HIS A 189 -9.60 18.70 27.75
C HIS A 189 -8.13 18.88 28.10
N LYS A 190 -7.71 18.20 29.17
CA LYS A 190 -6.38 18.40 29.74
C LYS A 190 -5.42 17.27 29.43
N VAL A 191 -5.77 16.04 29.77
CA VAL A 191 -4.84 14.91 29.72
C VAL A 191 -5.03 14.17 28.40
N TYR A 192 -3.94 13.99 27.66
CA TYR A 192 -3.93 13.27 26.39
C TYR A 192 -3.01 12.08 26.52
N ALA A 193 -3.57 10.88 26.33
CA ALA A 193 -2.87 9.63 26.61
C ALA A 193 -3.05 8.64 25.47
N CYS A 194 -1.97 7.92 25.15
CA CYS A 194 -1.99 6.82 24.20
C CYS A 194 -1.62 5.53 24.95
N GLU A 195 -2.50 4.53 24.86
CA GLU A 195 -2.30 3.25 25.54
C GLU A 195 -2.10 2.15 24.50
N VAL A 196 -1.03 1.37 24.67
CA VAL A 196 -0.58 0.41 23.67
C VAL A 196 -0.58 -0.99 24.26
N THR A 197 -1.20 -1.93 23.55
CA THR A 197 -1.25 -3.33 23.94
C THR A 197 -0.55 -4.15 22.86
N HIS A 198 0.40 -4.99 23.28
CA HIS A 198 1.20 -5.77 22.34
C HIS A 198 1.72 -7.00 23.06
N GLN A 199 1.87 -8.10 22.29
CA GLN A 199 2.27 -9.38 22.88
C GLN A 199 3.60 -9.28 23.62
N GLY A 200 4.49 -8.40 23.17
CA GLY A 200 5.76 -8.18 23.81
C GLY A 200 5.73 -7.33 25.06
N LEU A 201 4.55 -6.85 25.45
CA LEU A 201 4.38 -6.05 26.65
C LEU A 201 3.62 -6.88 27.67
N SER A 202 4.21 -7.09 28.84
CA SER A 202 3.53 -7.84 29.90
C SER A 202 2.28 -7.10 30.39
N SER A 203 2.27 -5.78 30.26
CA SER A 203 1.11 -4.95 30.61
C SER A 203 1.08 -3.79 29.64
N PRO A 204 -0.10 -3.21 29.38
CA PRO A 204 -0.16 -2.09 28.45
C PRO A 204 0.70 -0.92 28.91
N VAL A 205 1.26 -0.21 27.93
CA VAL A 205 2.09 0.96 28.17
C VAL A 205 1.30 2.21 27.80
N THR A 206 1.28 3.19 28.69
CA THR A 206 0.58 4.45 28.46
C THR A 206 1.58 5.58 28.45
N LYS A 207 1.53 6.41 27.40
CA LYS A 207 2.28 7.65 27.34
C LYS A 207 1.27 8.80 27.31
N SER A 208 1.56 9.85 28.07
CA SER A 208 0.58 10.93 28.20
C SER A 208 1.27 12.26 28.47
N PHE A 209 0.52 13.34 28.25
CA PHE A 209 0.95 14.69 28.59
C PHE A 209 -0.27 15.50 28.97
N ASN A 210 -0.02 16.64 29.61
CA ASN A 210 -1.08 17.60 29.93
C ASN A 210 -1.01 18.77 28.95
N ARG A 211 -2.17 19.18 28.44
CA ARG A 211 -2.21 20.24 27.45
C ARG A 211 -1.60 21.52 28.01
N GLY A 212 -0.67 22.10 27.26
CA GLY A 212 0.01 23.32 27.69
C GLY A 212 1.03 23.14 28.79
N GLU A 213 1.07 21.99 29.46
CA GLU A 213 2.08 21.73 30.48
C GLU A 213 3.48 21.59 29.91
N CYS A 214 3.62 21.49 28.59
CA CYS A 214 4.93 21.43 27.95
C CYS A 214 5.40 22.82 27.55
N GLN B 1 13.39 -7.39 -26.04
CA GLN B 1 12.74 -7.41 -24.74
C GLN B 1 11.26 -7.07 -24.86
N GLU B 2 10.41 -7.96 -24.36
CA GLU B 2 8.96 -7.80 -24.46
C GLU B 2 8.48 -6.99 -23.25
N VAL B 3 8.04 -5.76 -23.49
CA VAL B 3 7.64 -4.85 -22.42
C VAL B 3 6.39 -4.09 -22.82
N LEU B 4 5.63 -3.69 -21.81
CA LEU B 4 4.47 -2.82 -21.99
C LEU B 4 4.71 -1.56 -21.21
N VAL B 5 4.55 -0.41 -21.85
CA VAL B 5 4.84 0.90 -21.24
C VAL B 5 3.54 1.69 -21.18
N GLN B 6 3.13 2.06 -19.97
CA GLN B 6 1.88 2.78 -19.76
C GLN B 6 2.11 4.27 -19.56
N SER B 7 1.04 5.03 -19.74
CA SER B 7 1.07 6.47 -19.56
C SER B 7 1.14 6.82 -18.07
N GLY B 8 1.35 8.11 -17.79
CA GLY B 8 1.64 8.57 -16.45
C GLY B 8 0.42 8.76 -15.56
N ALA B 9 0.69 9.13 -14.32
CA ALA B 9 -0.34 9.24 -13.30
C ALA B 9 -1.35 10.33 -13.67
N GLU B 10 -2.59 10.12 -13.24
CA GLU B 10 -3.70 11.01 -13.56
C GLU B 10 -4.46 11.34 -12.29
N VAL B 11 -4.92 12.59 -12.20
CA VAL B 11 -5.76 13.05 -11.12
C VAL B 11 -7.02 13.64 -11.74
N LYS B 12 -8.19 13.16 -11.30
CA LYS B 12 -9.46 13.49 -11.96
C LYS B 12 -10.52 13.83 -10.93
N LYS B 13 -11.48 14.68 -11.37
CA LYS B 13 -12.64 14.98 -10.54
C LYS B 13 -13.74 13.96 -10.80
N PRO B 14 -14.61 13.73 -9.82
CA PRO B 14 -15.76 12.84 -10.06
C PRO B 14 -16.57 13.32 -11.25
N GLY B 15 -17.02 12.36 -12.06
CA GLY B 15 -17.75 12.64 -13.26
C GLY B 15 -16.90 12.78 -14.50
N ALA B 16 -15.59 12.97 -14.36
CA ALA B 16 -14.68 13.12 -15.48
C ALA B 16 -14.33 11.76 -16.07
N SER B 17 -13.49 11.78 -17.10
CA SER B 17 -13.01 10.59 -17.77
C SER B 17 -11.49 10.57 -17.78
N VAL B 18 -10.92 9.37 -17.92
CA VAL B 18 -9.47 9.20 -18.04
C VAL B 18 -9.20 8.18 -19.13
N LYS B 19 -8.17 8.44 -19.92
CA LYS B 19 -7.76 7.53 -20.99
C LYS B 19 -6.32 7.10 -20.71
N VAL B 20 -6.13 5.84 -20.37
CA VAL B 20 -4.82 5.26 -20.07
C VAL B 20 -4.31 4.56 -21.32
N SER B 21 -3.02 4.73 -21.62
CA SER B 21 -2.43 4.05 -22.78
C SER B 21 -1.43 3.00 -22.34
N CYS B 22 -1.21 2.04 -23.24
CA CYS B 22 -0.35 0.88 -22.98
C CYS B 22 0.31 0.52 -24.29
N LYS B 23 1.60 0.82 -24.42
CA LYS B 23 2.33 0.65 -25.68
C LYS B 23 3.23 -0.58 -25.59
N ALA B 24 3.13 -1.45 -26.58
CA ALA B 24 3.82 -2.73 -26.58
C ALA B 24 5.11 -2.66 -27.39
N PHE B 25 6.18 -3.22 -26.82
CA PHE B 25 7.49 -3.26 -27.45
C PHE B 25 8.00 -4.70 -27.47
N GLY B 26 8.73 -5.05 -28.53
CA GLY B 26 9.49 -6.28 -28.54
C GLY B 26 8.77 -7.52 -29.04
N TYR B 27 7.53 -7.38 -29.50
CA TYR B 27 6.78 -8.50 -30.05
C TYR B 27 5.67 -7.93 -30.91
N THR B 28 5.05 -8.80 -31.70
CA THR B 28 3.98 -8.37 -32.60
C THR B 28 2.72 -8.09 -31.78
N PHE B 29 2.34 -6.82 -31.72
CA PHE B 29 1.24 -6.35 -30.85
C PHE B 29 -0.05 -7.10 -31.12
N THR B 30 -0.34 -7.36 -32.40
CA THR B 30 -1.62 -7.96 -32.76
C THR B 30 -1.70 -9.46 -32.49
N GLY B 31 -0.64 -10.07 -31.97
CA GLY B 31 -0.63 -11.49 -31.72
C GLY B 31 -1.16 -11.95 -30.38
N ASN B 32 -1.46 -11.04 -29.45
CA ASN B 32 -1.89 -11.44 -28.11
C ASN B 32 -2.97 -10.50 -27.59
N PRO B 33 -4.07 -11.03 -27.07
CA PRO B 33 -5.06 -10.19 -26.40
C PRO B 33 -4.45 -9.45 -25.22
N MET B 34 -5.04 -8.30 -24.91
CA MET B 34 -4.60 -7.44 -23.81
C MET B 34 -5.69 -7.29 -22.78
N HIS B 35 -5.40 -7.68 -21.53
CA HIS B 35 -6.27 -7.50 -20.39
C HIS B 35 -6.03 -6.14 -19.74
N TRP B 36 -7.05 -5.67 -19.03
CA TRP B 36 -6.92 -4.53 -18.14
C TRP B 36 -7.38 -4.97 -16.76
N VAL B 37 -6.53 -4.73 -15.76
CA VAL B 37 -6.72 -5.16 -14.38
C VAL B 37 -6.38 -3.97 -13.50
N ARG B 38 -7.19 -3.70 -12.48
CA ARG B 38 -6.91 -2.59 -11.57
C ARG B 38 -6.78 -3.07 -10.13
N GLN B 39 -6.20 -2.21 -9.31
CA GLN B 39 -5.92 -2.56 -7.92
C GLN B 39 -6.07 -1.30 -7.08
N ALA B 40 -7.08 -1.26 -6.22
CA ALA B 40 -7.26 -0.11 -5.36
C ALA B 40 -6.25 -0.16 -4.22
N PRO B 41 -5.90 0.98 -3.64
CA PRO B 41 -4.87 0.99 -2.59
C PRO B 41 -5.15 -0.01 -1.48
N GLY B 42 -4.15 -0.88 -1.23
CA GLY B 42 -4.23 -1.89 -0.19
C GLY B 42 -5.11 -3.09 -0.49
N GLN B 43 -5.67 -3.17 -1.69
CA GLN B 43 -6.64 -4.21 -2.05
C GLN B 43 -6.03 -5.17 -3.06
N GLY B 44 -6.84 -6.12 -3.48
CA GLY B 44 -6.46 -7.10 -4.46
C GLY B 44 -6.70 -6.65 -5.89
N LEU B 45 -6.74 -7.61 -6.79
CA LEU B 45 -6.79 -7.37 -8.22
C LEU B 45 -8.19 -7.56 -8.76
N GLU B 46 -8.60 -6.67 -9.67
CA GLU B 46 -9.93 -6.68 -10.25
C GLU B 46 -9.82 -6.62 -11.77
N TRP B 47 -10.34 -7.63 -12.45
CA TRP B 47 -10.30 -7.68 -13.90
C TRP B 47 -11.38 -6.80 -14.49
N MET B 48 -11.03 -5.99 -15.50
CA MET B 48 -11.98 -5.07 -16.12
C MET B 48 -12.45 -5.52 -17.49
N GLY B 49 -11.65 -6.27 -18.21
CA GLY B 49 -11.97 -6.65 -19.58
C GLY B 49 -10.70 -6.98 -20.33
N TRP B 50 -10.89 -7.41 -21.58
CA TRP B 50 -9.78 -7.61 -22.49
C TRP B 50 -10.19 -7.28 -23.92
N ILE B 51 -9.16 -7.04 -24.75
CA ILE B 51 -9.35 -6.65 -26.14
C ILE B 51 -8.48 -7.53 -27.03
N ASN B 52 -9.02 -7.89 -28.20
CA ASN B 52 -8.26 -8.55 -29.24
C ASN B 52 -7.62 -7.46 -30.09
N PRO B 53 -6.30 -7.32 -30.07
CA PRO B 53 -5.68 -6.21 -30.83
C PRO B 53 -5.75 -6.40 -32.34
N HIS B 54 -6.00 -7.62 -32.82
CA HIS B 54 -6.14 -7.82 -34.25
C HIS B 54 -7.48 -7.31 -34.73
N SER B 55 -8.57 -7.85 -34.19
CA SER B 55 -9.90 -7.48 -34.63
C SER B 55 -10.45 -6.23 -33.95
N GLY B 56 -9.90 -5.85 -32.79
CA GLY B 56 -10.50 -4.79 -32.02
C GLY B 56 -11.68 -5.22 -31.17
N ASP B 57 -12.09 -6.47 -31.23
CA ASP B 57 -13.21 -6.93 -30.43
C ASP B 57 -12.88 -6.90 -28.95
N THR B 58 -13.90 -6.65 -28.13
CA THR B 58 -13.74 -6.49 -26.70
C THR B 58 -14.70 -7.40 -25.96
N THR B 59 -14.27 -7.82 -24.78
CA THR B 59 -15.18 -8.39 -23.78
C THR B 59 -14.92 -7.63 -22.48
N THR B 60 -15.91 -6.84 -22.07
CA THR B 60 -15.78 -5.92 -20.96
C THR B 60 -16.58 -6.50 -19.80
N ALA B 61 -16.00 -6.49 -18.61
CA ALA B 61 -16.73 -7.01 -17.45
C ALA B 61 -18.06 -6.27 -17.27
N GLN B 62 -19.09 -7.02 -16.87
CA GLN B 62 -20.42 -6.44 -16.73
C GLN B 62 -20.45 -5.24 -15.80
N LYS B 63 -19.58 -5.22 -14.77
CA LYS B 63 -19.52 -4.09 -13.86
C LYS B 63 -19.19 -2.79 -14.58
N PHE B 64 -18.42 -2.86 -15.68
CA PHE B 64 -17.90 -1.69 -16.35
C PHE B 64 -18.54 -1.41 -17.71
N GLN B 65 -19.32 -2.34 -18.25
CA GLN B 65 -19.97 -2.10 -19.53
C GLN B 65 -20.80 -0.82 -19.46
N GLY B 66 -20.74 -0.03 -20.53
CA GLY B 66 -21.48 1.20 -20.64
C GLY B 66 -20.68 2.44 -20.26
N ARG B 67 -19.57 2.28 -19.54
CA ARG B 67 -18.76 3.44 -19.23
C ARG B 67 -17.26 3.23 -19.41
N VAL B 68 -16.80 2.02 -19.68
CA VAL B 68 -15.40 1.74 -19.92
C VAL B 68 -15.26 1.24 -21.35
N TYR B 69 -14.30 1.80 -22.09
CA TYR B 69 -14.10 1.48 -23.50
C TYR B 69 -12.65 1.12 -23.74
N MET B 70 -12.42 -0.09 -24.23
CA MET B 70 -11.09 -0.52 -24.64
C MET B 70 -10.99 -0.36 -26.16
N THR B 71 -9.92 0.27 -26.61
CA THR B 71 -9.63 0.43 -28.03
C THR B 71 -8.15 0.16 -28.28
N ARG B 72 -7.75 0.18 -29.54
CA ARG B 72 -6.35 -0.04 -29.87
C ARG B 72 -6.01 0.71 -31.15
N ASP B 73 -4.74 1.06 -31.28
CA ASP B 73 -4.18 1.68 -32.48
C ASP B 73 -3.01 0.81 -32.91
N LYS B 74 -3.23 0.00 -33.96
CA LYS B 74 -2.20 -0.93 -34.44
C LYS B 74 -0.95 -0.19 -34.90
N SER B 75 -1.12 0.98 -35.51
CA SER B 75 0.02 1.65 -36.16
C SER B 75 1.10 2.03 -35.15
N ILE B 76 0.74 2.21 -33.88
CA ILE B 76 1.67 2.57 -32.82
C ILE B 76 1.66 1.54 -31.69
N ASN B 77 1.14 0.34 -31.97
CA ASN B 77 1.23 -0.77 -31.02
C ASN B 77 0.65 -0.42 -29.65
N THR B 78 -0.47 0.31 -29.63
CA THR B 78 -0.98 0.88 -28.39
C THR B 78 -2.41 0.43 -28.11
N ALA B 79 -2.65 -0.01 -26.87
CA ALA B 79 -3.99 -0.26 -26.37
C ALA B 79 -4.40 0.88 -25.44
N TYR B 80 -5.69 1.25 -25.46
CA TYR B 80 -6.21 2.32 -24.64
C TYR B 80 -7.37 1.85 -23.77
N LEU B 81 -7.41 2.38 -22.55
CA LEU B 81 -8.53 2.15 -21.63
C LEU B 81 -9.14 3.50 -21.31
N ASP B 82 -10.38 3.72 -21.73
CA ASP B 82 -11.12 4.94 -21.43
C ASP B 82 -12.12 4.62 -20.33
N VAL B 83 -11.91 5.19 -19.15
CA VAL B 83 -12.80 5.01 -18.01
C VAL B 83 -13.56 6.31 -17.82
N THR B 84 -14.87 6.26 -18.06
CA THR B 84 -15.70 7.46 -17.98
C THR B 84 -16.59 7.41 -16.73
N ARG B 85 -17.21 8.55 -16.42
CA ARG B 85 -18.06 8.69 -15.24
C ARG B 85 -17.35 8.21 -13.97
N LEU B 86 -16.15 8.75 -13.76
CA LEU B 86 -15.35 8.34 -12.62
C LEU B 86 -16.02 8.73 -11.32
N THR B 87 -15.84 7.89 -10.31
CA THR B 87 -16.13 8.23 -8.93
C THR B 87 -14.92 7.86 -8.10
N SER B 88 -14.95 8.22 -6.81
CA SER B 88 -13.81 7.95 -5.94
C SER B 88 -13.46 6.47 -5.89
N ASP B 89 -14.46 5.60 -6.09
CA ASP B 89 -14.21 4.16 -6.09
C ASP B 89 -13.35 3.68 -7.25
N ASP B 90 -13.11 4.53 -8.25
CA ASP B 90 -12.23 4.19 -9.35
C ASP B 90 -10.78 4.57 -9.09
N THR B 91 -10.47 5.11 -7.92
CA THR B 91 -9.10 5.35 -7.53
C THR B 91 -8.38 4.02 -7.42
N ALA B 92 -7.31 3.85 -8.20
CA ALA B 92 -6.63 2.56 -8.28
C ALA B 92 -5.38 2.74 -9.14
N ILE B 93 -4.52 1.73 -9.10
CA ILE B 93 -3.51 1.55 -10.14
C ILE B 93 -4.10 0.65 -11.22
N TYR B 94 -4.00 1.09 -12.47
CA TYR B 94 -4.55 0.37 -13.62
C TYR B 94 -3.39 -0.27 -14.38
N TYR B 95 -3.51 -1.56 -14.69
CA TYR B 95 -2.49 -2.29 -15.43
C TYR B 95 -3.06 -2.82 -16.74
N CYS B 96 -2.24 -2.82 -17.78
CA CYS B 96 -2.49 -3.68 -18.93
C CYS B 96 -1.61 -4.91 -18.82
N ALA B 97 -2.08 -6.03 -19.36
CA ALA B 97 -1.32 -7.29 -19.28
C ALA B 97 -1.69 -8.17 -20.45
N ARG B 98 -0.67 -8.71 -21.11
CA ARG B 98 -0.84 -9.56 -22.27
C ARG B 98 -1.17 -10.99 -21.84
N ASP B 99 -2.04 -11.67 -22.60
CA ASP B 99 -2.30 -13.09 -22.37
C ASP B 99 -1.46 -13.94 -23.32
N LYS B 100 -0.90 -15.04 -22.77
CA LYS B 100 -0.22 -16.03 -23.59
C LYS B 100 -1.12 -16.54 -24.72
N TYR B 101 -2.39 -16.80 -24.42
CA TYR B 101 -3.43 -17.06 -25.42
C TYR B 101 -3.17 -18.30 -26.27
N TYR B 102 -2.60 -19.34 -25.66
CA TYR B 102 -2.40 -20.58 -26.39
C TYR B 102 -3.75 -21.18 -26.79
N GLY B 103 -3.83 -21.65 -28.03
CA GLY B 103 -5.09 -22.20 -28.52
C GLY B 103 -6.22 -21.22 -28.59
N ASN B 104 -5.92 -19.92 -28.64
CA ASN B 104 -6.93 -18.87 -28.70
C ASN B 104 -7.89 -18.91 -27.50
N GLU B 105 -7.35 -19.25 -26.34
CA GLU B 105 -8.08 -19.15 -25.08
C GLU B 105 -7.17 -18.54 -24.03
N ALA B 106 -7.77 -17.96 -22.98
CA ALA B 106 -6.98 -17.36 -21.91
C ALA B 106 -6.17 -18.44 -21.17
N VAL B 107 -4.90 -18.13 -20.94
CA VAL B 107 -3.95 -19.05 -20.28
C VAL B 107 -3.28 -18.35 -19.10
N GLY B 108 -2.83 -17.12 -19.28
CA GLY B 108 -2.17 -16.43 -18.20
C GLY B 108 -1.58 -15.13 -18.68
N MET B 109 -1.39 -14.20 -17.74
CA MET B 109 -0.96 -12.84 -18.04
C MET B 109 0.56 -12.78 -17.87
N ASP B 110 1.30 -12.88 -18.98
CA ASP B 110 2.73 -13.10 -18.91
C ASP B 110 3.60 -11.84 -19.03
N VAL B 111 3.06 -10.72 -19.50
CA VAL B 111 3.76 -9.45 -19.57
C VAL B 111 2.81 -8.38 -19.07
N TRP B 112 3.28 -7.54 -18.15
CA TRP B 112 2.45 -6.51 -17.51
C TRP B 112 3.09 -5.15 -17.71
N GLY B 113 2.25 -4.13 -17.91
CA GLY B 113 2.72 -2.77 -17.83
C GLY B 113 3.12 -2.40 -16.43
N GLN B 114 3.74 -1.22 -16.29
CA GLN B 114 4.22 -0.79 -14.98
C GLN B 114 3.10 -0.23 -14.11
N GLY B 115 1.91 -0.07 -14.65
CA GLY B 115 0.79 0.49 -13.91
C GLY B 115 0.69 2.00 -14.07
N THR B 116 -0.55 2.48 -14.00
CA THR B 116 -0.86 3.91 -14.07
C THR B 116 -1.73 4.23 -12.86
N THR B 117 -1.27 5.14 -12.01
CA THR B 117 -2.06 5.54 -10.85
C THR B 117 -3.11 6.55 -11.28
N VAL B 118 -4.36 6.30 -10.89
CA VAL B 118 -5.47 7.21 -11.12
C VAL B 118 -6.08 7.55 -9.77
N THR B 119 -6.16 8.84 -9.45
CA THR B 119 -6.80 9.33 -8.24
C THR B 119 -8.03 10.11 -8.66
N VAL B 120 -9.20 9.74 -8.12
CA VAL B 120 -10.45 10.45 -8.38
C VAL B 120 -10.91 11.10 -7.09
N SER B 121 -11.03 12.43 -7.10
CA SER B 121 -11.36 13.16 -5.89
C SER B 121 -11.85 14.55 -6.27
N SER B 122 -12.72 15.10 -5.42
CA SER B 122 -13.15 16.48 -5.59
C SER B 122 -12.15 17.48 -5.02
N ALA B 123 -11.10 17.01 -4.35
CA ALA B 123 -10.11 17.90 -3.75
C ALA B 123 -9.30 18.61 -4.83
N SER B 124 -8.70 19.73 -4.43
CA SER B 124 -7.84 20.52 -5.30
C SER B 124 -6.40 20.44 -4.83
N THR B 125 -5.47 20.68 -5.74
CA THR B 125 -4.05 20.61 -5.42
C THR B 125 -3.71 21.54 -4.28
N LYS B 126 -2.96 21.03 -3.31
CA LYS B 126 -2.56 21.82 -2.15
C LYS B 126 -1.28 21.25 -1.58
N GLY B 127 -0.29 22.12 -1.34
CA GLY B 127 0.95 21.72 -0.71
C GLY B 127 0.77 21.50 0.77
N PRO B 128 1.66 20.70 1.36
CA PRO B 128 1.50 20.34 2.78
C PRO B 128 2.02 21.41 3.71
N SER B 129 1.49 21.39 4.93
CA SER B 129 2.08 22.09 6.06
C SER B 129 2.92 21.09 6.82
N VAL B 130 4.16 21.48 7.14
CA VAL B 130 5.11 20.60 7.81
C VAL B 130 5.28 21.09 9.24
N PHE B 131 4.93 20.24 10.19
CA PHE B 131 5.02 20.54 11.61
C PHE B 131 6.03 19.62 12.27
N PRO B 132 6.78 20.11 13.25
CA PRO B 132 7.77 19.26 13.92
C PRO B 132 7.13 18.34 14.94
N LEU B 133 7.69 17.14 15.05
CA LEU B 133 7.44 16.23 16.15
C LEU B 133 8.71 16.27 17.00
N ALA B 134 8.70 17.16 17.99
CA ALA B 134 9.92 17.53 18.70
C ALA B 134 10.38 16.39 19.60
N PRO B 135 11.69 16.11 19.63
CA PRO B 135 12.20 15.13 20.60
C PRO B 135 12.18 15.70 22.00
N SER B 136 11.90 14.85 22.97
CA SER B 136 11.83 15.25 24.37
C SER B 136 12.11 14.01 25.23
N SER B 137 11.83 14.13 26.53
CA SER B 137 12.01 13.02 27.45
C SER B 137 11.03 11.90 27.15
N GLY B 143 18.56 5.49 25.88
CA GLY B 143 19.69 6.28 25.42
C GLY B 143 19.49 6.87 24.03
N THR B 144 18.30 6.68 23.49
CA THR B 144 17.94 7.22 22.18
C THR B 144 16.68 8.06 22.31
N ALA B 145 16.52 8.99 21.37
CA ALA B 145 15.37 9.87 21.33
C ALA B 145 14.73 9.80 19.96
N ALA B 146 13.41 9.91 19.93
CA ALA B 146 12.64 9.90 18.69
C ALA B 146 12.17 11.31 18.35
N LEU B 147 12.23 11.65 17.08
CA LEU B 147 11.76 12.93 16.57
C LEU B 147 11.16 12.70 15.19
N GLY B 148 10.61 13.74 14.58
CA GLY B 148 10.04 13.57 13.26
C GLY B 148 9.37 14.84 12.76
N CYS B 149 8.64 14.67 11.66
CA CYS B 149 7.92 15.76 11.02
C CYS B 149 6.54 15.24 10.60
N LEU B 150 5.51 16.03 10.88
CA LEU B 150 4.15 15.74 10.46
C LEU B 150 3.86 16.53 9.18
N VAL B 151 3.57 15.80 8.10
CA VAL B 151 3.36 16.37 6.78
C VAL B 151 1.85 16.31 6.52
N LYS B 152 1.15 17.42 6.74
CA LYS B 152 -0.29 17.41 6.88
C LYS B 152 -0.98 18.17 5.75
N ASP B 153 -2.12 17.64 5.31
CA ASP B 153 -3.08 18.35 4.45
C ASP B 153 -2.50 18.70 3.08
N TYR B 154 -2.14 17.67 2.32
CA TYR B 154 -1.70 17.86 0.95
C TYR B 154 -2.54 17.00 -0.01
N PHE B 155 -2.54 17.41 -1.28
CA PHE B 155 -3.22 16.68 -2.35
C PHE B 155 -2.58 17.10 -3.66
N PRO B 156 -2.32 16.16 -4.59
CA PRO B 156 -2.52 14.71 -4.42
C PRO B 156 -1.25 14.06 -3.89
N GLU B 157 -1.25 12.73 -3.85
CA GLU B 157 -0.01 12.02 -3.61
C GLU B 157 0.89 12.17 -4.83
N PRO B 158 2.22 12.00 -4.67
CA PRO B 158 2.92 11.68 -3.43
C PRO B 158 3.75 12.84 -2.89
N VAL B 159 4.31 12.63 -1.70
CA VAL B 159 5.35 13.50 -1.15
C VAL B 159 6.57 12.65 -0.89
N THR B 160 7.73 13.30 -0.88
CA THR B 160 8.98 12.67 -0.50
C THR B 160 9.50 13.34 0.75
N VAL B 161 10.11 12.54 1.64
CA VAL B 161 10.70 13.05 2.86
C VAL B 161 12.10 12.47 2.99
N SER B 162 13.08 13.34 3.20
CA SER B 162 14.44 12.94 3.53
C SER B 162 14.85 13.67 4.80
N TRP B 163 15.95 13.22 5.40
CA TRP B 163 16.47 13.82 6.62
C TRP B 163 17.90 14.26 6.39
N ASN B 164 18.18 15.54 6.67
CA ASN B 164 19.50 16.12 6.46
C ASN B 164 19.98 15.98 5.03
N SER B 165 19.06 16.24 4.08
CA SER B 165 19.37 16.19 2.64
C SER B 165 19.89 14.83 2.21
N GLY B 166 19.28 13.77 2.75
CA GLY B 166 19.67 12.42 2.42
C GLY B 166 20.83 11.87 3.21
N ALA B 167 21.45 12.67 4.07
CA ALA B 167 22.59 12.18 4.84
C ALA B 167 22.16 11.18 5.90
N LEU B 168 21.06 11.46 6.60
CA LEU B 168 20.57 10.59 7.65
C LEU B 168 19.54 9.63 7.07
N THR B 169 19.82 8.33 7.13
CA THR B 169 18.94 7.34 6.53
C THR B 169 18.57 6.23 7.50
N SER B 170 19.47 5.91 8.44
CA SER B 170 19.24 4.81 9.36
C SER B 170 18.35 5.26 10.51
N GLY B 171 17.45 4.37 10.94
CA GLY B 171 16.48 4.71 11.97
C GLY B 171 15.28 5.48 11.48
N VAL B 172 15.22 5.81 10.19
CA VAL B 172 14.11 6.58 9.65
C VAL B 172 12.93 5.66 9.36
N HIS B 173 11.72 6.14 9.66
CA HIS B 173 10.49 5.45 9.28
C HIS B 173 9.54 6.51 8.73
N THR B 174 9.31 6.48 7.42
CA THR B 174 8.33 7.35 6.78
C THR B 174 7.07 6.53 6.52
N PHE B 175 5.98 6.92 7.17
CA PHE B 175 4.76 6.12 7.15
C PHE B 175 3.96 6.35 5.88
N PRO B 176 3.18 5.35 5.45
CA PRO B 176 2.29 5.54 4.31
C PRO B 176 1.29 6.65 4.61
N ALA B 177 0.96 7.42 3.57
CA ALA B 177 -0.01 8.49 3.72
C ALA B 177 -1.38 7.90 4.02
N VAL B 178 -2.18 8.65 4.76
CA VAL B 178 -3.57 8.30 5.06
C VAL B 178 -4.46 9.40 4.51
N LEU B 179 -5.56 9.02 3.90
CA LEU B 179 -6.53 9.97 3.36
C LEU B 179 -7.48 10.39 4.47
N GLN B 180 -7.58 11.69 4.68
CA GLN B 180 -8.47 12.23 5.72
C GLN B 180 -9.87 12.46 5.15
N SER B 181 -10.84 12.63 6.05
CA SER B 181 -12.21 12.84 5.62
C SER B 181 -12.36 14.14 4.83
N SER B 182 -11.42 15.07 4.98
CA SER B 182 -11.40 16.30 4.19
C SER B 182 -11.03 16.07 2.73
N GLY B 183 -10.56 14.87 2.38
CA GLY B 183 -10.03 14.61 1.06
C GLY B 183 -8.55 14.91 0.90
N LEU B 184 -7.88 15.41 1.93
CA LEU B 184 -6.46 15.68 1.90
C LEU B 184 -5.70 14.55 2.58
N TYR B 185 -4.44 14.38 2.19
CA TYR B 185 -3.57 13.34 2.72
C TYR B 185 -2.71 13.89 3.86
N SER B 186 -2.22 12.97 4.68
CA SER B 186 -1.31 13.31 5.77
C SER B 186 -0.42 12.12 6.06
N LEU B 187 0.81 12.40 6.50
CA LEU B 187 1.70 11.34 6.95
C LEU B 187 2.72 11.95 7.90
N SER B 188 3.43 11.09 8.61
CA SER B 188 4.55 11.49 9.43
C SER B 188 5.78 10.70 9.03
N SER B 189 6.95 11.29 9.27
CA SER B 189 8.23 10.62 9.13
C SER B 189 8.97 10.81 10.44
N VAL B 190 9.49 9.72 11.00
CA VAL B 190 10.16 9.75 12.29
C VAL B 190 11.57 9.15 12.16
N VAL B 191 12.39 9.41 13.18
CA VAL B 191 13.75 8.90 13.22
C VAL B 191 14.18 8.79 14.68
N THR B 192 14.96 7.76 14.99
CA THR B 192 15.54 7.59 16.31
C THR B 192 17.03 7.94 16.23
N VAL B 193 17.49 8.79 17.15
CA VAL B 193 18.86 9.29 17.15
C VAL B 193 19.42 9.16 18.56
N PRO B 194 20.73 9.29 18.76
CA PRO B 194 21.26 9.30 20.13
C PRO B 194 20.79 10.55 20.87
N SER B 195 20.29 10.33 22.10
CA SER B 195 19.83 11.45 22.90
C SER B 195 20.96 12.36 23.34
N SER B 196 22.18 11.82 23.42
CA SER B 196 23.32 12.66 23.79
C SER B 196 23.68 13.64 22.69
N SER B 197 23.35 13.31 21.44
CA SER B 197 23.67 14.15 20.29
C SER B 197 22.60 15.19 20.00
N LEU B 198 21.57 15.30 20.85
CA LEU B 198 20.47 16.21 20.57
C LEU B 198 20.91 17.67 20.63
N GLY B 199 21.70 18.03 21.64
CA GLY B 199 22.16 19.39 21.76
C GLY B 199 23.29 19.79 20.84
N THR B 200 23.85 18.84 20.09
CA THR B 200 24.98 19.11 19.21
C THR B 200 24.73 18.77 17.75
N GLN B 201 23.62 18.11 17.41
CA GLN B 201 23.31 17.75 16.04
C GLN B 201 21.91 18.27 15.70
N THR B 202 21.79 18.93 14.56
CA THR B 202 20.52 19.48 14.11
C THR B 202 19.92 18.59 13.03
N TYR B 203 18.63 18.30 13.14
CA TYR B 203 17.94 17.39 12.23
C TYR B 203 16.88 18.15 11.46
N ILE B 204 16.97 18.07 10.13
CA ILE B 204 16.06 18.77 9.23
C ILE B 204 15.38 17.74 8.35
N CYS B 205 14.05 17.85 8.22
CA CYS B 205 13.30 17.03 7.29
C CYS B 205 13.03 17.83 6.02
N ASN B 206 13.38 17.24 4.88
CA ASN B 206 13.24 17.90 3.58
C ASN B 206 12.01 17.33 2.90
N VAL B 207 10.92 18.10 2.91
CA VAL B 207 9.64 17.67 2.36
C VAL B 207 9.47 18.32 1.00
N ASN B 208 9.24 17.49 -0.02
CA ASN B 208 9.01 17.97 -1.38
C ASN B 208 7.69 17.41 -1.88
N HIS B 209 6.84 18.30 -2.41
CA HIS B 209 5.55 17.92 -2.99
C HIS B 209 5.54 18.47 -4.41
N LYS B 210 5.94 17.62 -5.36
CA LYS B 210 6.06 18.06 -6.75
C LYS B 210 4.76 18.54 -7.39
N PRO B 211 3.59 17.92 -7.15
CA PRO B 211 2.36 18.43 -7.79
C PRO B 211 2.07 19.90 -7.50
N SER B 212 2.40 20.38 -6.30
CA SER B 212 2.20 21.78 -5.95
C SER B 212 3.47 22.60 -6.00
N ASN B 213 4.60 21.99 -6.38
CA ASN B 213 5.90 22.66 -6.40
C ASN B 213 6.25 23.25 -5.03
N THR B 214 6.00 22.47 -3.98
CA THR B 214 6.18 22.90 -2.60
C THR B 214 7.37 22.17 -2.01
N LYS B 215 8.41 22.93 -1.64
CA LYS B 215 9.57 22.40 -0.96
C LYS B 215 9.68 23.07 0.40
N VAL B 216 9.73 22.27 1.46
CA VAL B 216 9.79 22.76 2.82
C VAL B 216 10.92 22.05 3.56
N ASP B 217 11.82 22.83 4.16
CA ASP B 217 12.81 22.34 5.09
C ASP B 217 12.36 22.76 6.48
N LYS B 218 12.14 21.79 7.37
CA LYS B 218 11.66 22.06 8.71
C LYS B 218 12.70 21.59 9.72
N LYS B 219 13.18 22.53 10.53
CA LYS B 219 14.13 22.23 11.58
C LYS B 219 13.36 21.76 12.81
N VAL B 220 13.69 20.56 13.29
CA VAL B 220 13.01 19.96 14.43
C VAL B 220 13.88 20.22 15.66
N GLU B 221 13.48 21.20 16.45
CA GLU B 221 14.19 21.56 17.68
C GLU B 221 13.67 20.74 18.85
N PRO B 222 14.55 20.31 19.76
CA PRO B 222 14.08 19.66 20.98
C PRO B 222 13.30 20.64 21.84
N LYS B 223 12.21 20.16 22.43
CA LYS B 223 11.41 20.96 23.34
C LYS B 223 11.35 20.26 24.70
N SER B 224 11.12 21.06 25.74
CA SER B 224 11.20 20.58 27.12
C SER B 224 9.84 20.06 27.55
N CYS B 225 9.72 18.74 27.61
CA CYS B 225 8.59 18.06 28.28
C CYS B 225 9.22 17.19 29.35
N ASP B 226 9.50 17.77 30.51
CA ASP B 226 10.27 17.10 31.54
C ASP B 226 9.49 16.98 32.84
N LYS B 227 8.23 16.57 32.75
CA LYS B 227 7.39 16.36 33.92
C LYS B 227 6.96 14.89 33.97
N GLY B 228 7.02 14.31 35.17
CA GLY B 228 6.51 12.98 35.41
C GLY B 228 5.15 13.02 36.08
N LEU B 229 4.71 11.84 36.54
CA LEU B 229 3.42 11.67 37.17
C LEU B 229 3.59 11.10 38.56
N GLU B 230 2.66 11.43 39.45
CA GLU B 230 2.56 10.73 40.72
C GLU B 230 2.02 9.33 40.47
N VAL B 231 2.78 8.30 40.86
CA VAL B 231 2.48 6.91 40.56
C VAL B 231 2.48 6.11 41.87
N LEU B 232 1.98 4.87 41.79
CA LEU B 232 1.87 4.02 42.97
C LEU B 232 2.08 2.57 42.54
N PHE B 233 3.29 2.07 42.75
CA PHE B 233 3.62 0.67 42.45
C PHE B 233 4.02 -0.07 43.73
N ALA C 1 -11.46 -22.58 -21.67
CA ALA C 1 -11.28 -21.24 -21.10
C ALA C 1 -11.91 -20.22 -22.04
N VAL C 2 -12.11 -19.01 -21.52
CA VAL C 2 -12.69 -17.94 -22.33
C VAL C 2 -11.78 -17.60 -23.50
N GLY C 3 -12.39 -17.04 -24.55
CA GLY C 3 -11.64 -16.65 -25.73
C GLY C 3 -12.17 -15.36 -26.31
N ILE C 4 -11.40 -14.77 -27.21
CA ILE C 4 -11.79 -13.52 -27.84
C ILE C 4 -11.52 -13.55 -29.35
N GLY C 5 -11.52 -14.75 -29.94
CA GLY C 5 -11.38 -14.90 -31.37
C GLY C 5 -9.94 -15.00 -31.81
N ALA C 6 -9.78 -15.11 -33.13
CA ALA C 6 -8.46 -15.31 -33.71
C ALA C 6 -7.64 -14.02 -33.65
N VAL C 7 -6.32 -14.18 -33.56
CA VAL C 7 -5.39 -13.06 -33.55
C VAL C 7 -4.50 -13.17 -34.79
N PHE C 8 -3.57 -12.25 -34.93
CA PHE C 8 -2.61 -12.31 -36.03
C PHE C 8 -1.78 -13.60 -35.97
#